data_8IIZ
#
_entry.id   8IIZ
#
_cell.length_a   66.200
_cell.length_b   66.200
_cell.length_c   248.583
_cell.angle_alpha   90.000
_cell.angle_beta   90.000
_cell.angle_gamma   120.000
#
_symmetry.space_group_name_H-M   'P 32 2 1'
#
loop_
_entity.id
_entity.type
_entity.pdbx_description
1 polymer 'Maltodextrin-binding protein,YEATS domain-containing protein 4'
2 polymer 'Histone H3.1'
3 branched alpha-D-glucopyranose-(1-4)-alpha-D-glucopyranose
4 non-polymer GLYCEROL
5 water water
#
loop_
_entity_poly.entity_id
_entity_poly.type
_entity_poly.pdbx_seq_one_letter_code
_entity_poly.pdbx_strand_id
1 'polypeptide(L)'
;GSMKIEEGKLVIWINGDKGYNGLAEVGKKFEKDTGIKVTVEHPDKLEEKFPQVAATGDGPDIIFWAHDRFGGYAQSGLLA
EITPAAAFQDKLYPFTWDAVRYNGKLIAYPIAVEALSLIYNKDLLPNPPKTWEEIPALDKELKAKGKSALMFNLQEPYFT
WPLIAADGGYAFKYAAGKYDIKDVGVDNAGAKAGLTFLVDLIKNKHMNADTDYSIAEAAFNKGETAMTINGPWAWSNIDT
SAVNYGVTVLPTFKGQPSKPFVGVLSAGINAASPNKELAKEFLENYLLTDEGLEAVNKDKPLGAVALKSYEEELAKDPRI
AATMENAQKGEIMPNIPQMSAFWYAVRTAVINAASGRQTVDEALKDAQTNAAAVTIVKPIVYGNVARYFGKKREEDGHTH
QWTVYVKPYRNEDMSAYVKKIQFKLHESYGNPLRVVTKPPYEITETGWGEFEIIIKIFFIDPNERPVTLYHLLKLFQSDT
NAMLGKKTVVSEFYDEMIFQDPTAMMQQLLTTSR
;
A
2 'polypeptide(L)' ARTKQTARKSTGGKAPRKQLATKAAR(ALY)SAPAT B,C
#
loop_
_chem_comp.id
_chem_comp.type
_chem_comp.name
_chem_comp.formula
GLC D-saccharide, alpha linking alpha-D-glucopyranose 'C6 H12 O6'
GOL non-polymer GLYCEROL 'C3 H8 O3'
#
# COMPACT_ATOMS: atom_id res chain seq x y z
N LYS A 4 4.72 -19.97 -1.73
CA LYS A 4 3.51 -20.27 -0.90
C LYS A 4 3.72 -19.75 0.53
N ILE A 5 2.62 -19.52 1.25
CA ILE A 5 2.63 -19.15 2.70
C ILE A 5 2.57 -20.45 3.50
N GLU A 6 3.59 -20.73 4.30
CA GLU A 6 3.73 -21.98 5.10
C GLU A 6 2.55 -22.07 6.08
N GLU A 7 1.88 -23.23 6.11
CA GLU A 7 0.75 -23.54 7.02
C GLU A 7 1.31 -23.90 8.41
N GLY A 8 0.48 -23.80 9.45
CA GLY A 8 0.84 -24.15 10.84
C GLY A 8 1.71 -23.08 11.51
N LYS A 9 1.80 -21.91 10.90
CA LYS A 9 2.62 -20.76 11.37
C LYS A 9 1.83 -19.47 11.08
N LEU A 10 2.19 -18.36 11.74
CA LEU A 10 1.68 -17.01 11.37
C LEU A 10 2.88 -16.12 11.07
N VAL A 11 2.90 -15.55 9.86
CA VAL A 11 3.83 -14.45 9.50
C VAL A 11 3.00 -13.16 9.47
N ILE A 12 3.44 -12.15 10.23
CA ILE A 12 2.77 -10.84 10.41
C ILE A 12 3.71 -9.75 9.94
N TRP A 13 3.23 -8.88 9.05
CA TRP A 13 3.96 -7.66 8.60
C TRP A 13 3.34 -6.42 9.29
N ILE A 14 4.21 -5.63 9.91
CA ILE A 14 3.87 -4.33 10.55
C ILE A 14 5.05 -3.40 10.29
N ASN A 15 4.76 -2.10 10.15
CA ASN A 15 5.79 -1.07 9.84
C ASN A 15 6.77 -0.95 11.02
N GLY A 16 8.02 -0.59 10.71
CA GLY A 16 9.13 -0.51 11.68
C GLY A 16 9.03 0.66 12.64
N ASP A 17 8.03 1.55 12.49
CA ASP A 17 7.79 2.67 13.44
C ASP A 17 6.81 2.22 14.52
N LYS A 18 6.12 1.08 14.32
CA LYS A 18 5.13 0.50 15.26
C LYS A 18 5.78 -0.52 16.19
N GLY A 19 5.05 -0.91 17.25
CA GLY A 19 5.54 -1.75 18.35
C GLY A 19 5.56 -3.22 17.98
N TYR A 20 6.47 -3.60 17.07
CA TYR A 20 6.59 -4.97 16.53
C TYR A 20 7.23 -5.90 17.56
N ASN A 21 7.94 -5.35 18.56
CA ASN A 21 8.48 -6.17 19.67
C ASN A 21 7.31 -6.56 20.59
N GLY A 22 6.41 -5.63 20.90
CA GLY A 22 5.19 -5.89 21.68
C GLY A 22 4.23 -6.83 20.97
N LEU A 23 4.16 -6.75 19.64
CA LEU A 23 3.40 -7.71 18.79
C LEU A 23 4.08 -9.08 18.88
N ALA A 24 5.41 -9.11 18.88
CA ALA A 24 6.21 -10.34 19.02
C ALA A 24 5.83 -11.03 20.32
N GLU A 25 5.63 -10.25 21.39
CA GLU A 25 5.25 -10.75 22.73
C GLU A 25 3.86 -11.39 22.66
N VAL A 26 2.90 -10.71 22.03
CA VAL A 26 1.55 -11.32 21.79
C VAL A 26 1.79 -12.61 20.99
N GLY A 27 2.69 -12.57 20.00
CA GLY A 27 3.12 -13.75 19.20
C GLY A 27 3.54 -14.92 20.07
N LYS A 28 4.39 -14.71 21.08
CA LYS A 28 4.93 -15.78 21.95
C LYS A 28 3.78 -16.34 22.79
N LYS A 29 2.96 -15.45 23.34
CA LYS A 29 1.74 -15.79 24.11
C LYS A 29 0.91 -16.80 23.29
N PHE A 30 0.63 -16.46 22.03
CA PHE A 30 -0.14 -17.30 21.08
C PHE A 30 0.52 -18.67 20.91
N GLU A 31 1.85 -18.68 20.77
CA GLU A 31 2.70 -19.89 20.57
C GLU A 31 2.75 -20.75 21.83
N LYS A 32 2.90 -20.13 23.00
CA LYS A 32 2.86 -20.81 24.32
C LYS A 32 1.53 -21.56 24.42
N ASP A 33 0.41 -20.93 24.05
CA ASP A 33 -0.95 -21.52 24.14
C ASP A 33 -1.16 -22.58 23.05
N THR A 34 -0.92 -22.24 21.78
CA THR A 34 -1.41 -23.01 20.60
C THR A 34 -0.30 -23.88 19.98
N GLY A 35 0.97 -23.68 20.38
CA GLY A 35 2.13 -24.33 19.73
C GLY A 35 2.39 -23.77 18.34
N ILE A 36 1.58 -22.80 17.89
CA ILE A 36 1.71 -22.14 16.56
C ILE A 36 2.76 -21.03 16.65
N LYS A 37 3.86 -21.20 15.91
CA LYS A 37 4.97 -20.21 15.84
C LYS A 37 4.42 -18.96 15.13
N VAL A 38 4.61 -17.78 15.75
CA VAL A 38 4.29 -16.46 15.14
C VAL A 38 5.62 -15.76 14.88
N THR A 39 5.86 -15.33 13.65
CA THR A 39 7.05 -14.52 13.26
C THR A 39 6.56 -13.13 12.83
N VAL A 40 7.06 -12.09 13.49
CA VAL A 40 6.76 -10.66 13.21
C VAL A 40 7.93 -10.11 12.40
N GLU A 41 7.64 -9.52 11.25
CA GLU A 41 8.66 -8.81 10.43
C GLU A 41 8.17 -7.40 10.17
N HIS A 42 9.12 -6.49 9.97
CA HIS A 42 8.90 -5.06 9.64
C HIS A 42 9.69 -4.73 8.38
N PRO A 43 9.29 -5.27 7.21
CA PRO A 43 10.00 -4.99 5.97
C PRO A 43 9.84 -3.51 5.59
N ASP A 44 10.88 -2.90 5.05
CA ASP A 44 10.88 -1.50 4.54
C ASP A 44 9.89 -1.40 3.38
N LYS A 45 9.19 -0.27 3.31
CA LYS A 45 8.17 0.03 2.28
C LYS A 45 7.18 -1.12 2.20
N LEU A 46 6.63 -1.56 3.34
CA LEU A 46 5.72 -2.74 3.35
C LEU A 46 4.41 -2.37 2.65
N GLU A 47 3.98 -1.10 2.71
CA GLU A 47 2.78 -0.63 1.95
C GLU A 47 2.98 -0.93 0.46
N GLU A 48 4.23 -1.00 -0.03
CA GLU A 48 4.56 -1.40 -1.43
C GLU A 48 4.87 -2.90 -1.51
N LYS A 49 5.53 -3.47 -0.49
CA LYS A 49 6.02 -4.87 -0.52
C LYS A 49 4.85 -5.84 -0.43
N PHE A 50 3.85 -5.57 0.43
CA PHE A 50 2.66 -6.45 0.59
C PHE A 50 1.89 -6.61 -0.72
N PRO A 51 1.54 -5.53 -1.47
CA PRO A 51 0.76 -5.70 -2.70
C PRO A 51 1.56 -6.44 -3.79
N GLN A 52 2.88 -6.26 -3.85
CA GLN A 52 3.71 -6.87 -4.93
C GLN A 52 3.88 -8.38 -4.65
N VAL A 53 4.05 -8.79 -3.39
CA VAL A 53 4.22 -10.23 -3.00
C VAL A 53 2.83 -10.90 -2.98
N ALA A 54 1.83 -10.28 -2.37
CA ALA A 54 0.49 -10.88 -2.16
C ALA A 54 -0.21 -11.07 -3.50
N ALA A 55 0.16 -10.29 -4.53
CA ALA A 55 -0.36 -10.37 -5.91
C ALA A 55 -0.26 -11.81 -6.43
N THR A 56 0.87 -12.48 -6.16
CA THR A 56 1.19 -13.86 -6.62
C THR A 56 0.89 -14.88 -5.52
N GLY A 57 0.11 -14.50 -4.50
CA GLY A 57 -0.32 -15.36 -3.38
C GLY A 57 0.79 -15.65 -2.38
N ASP A 58 1.74 -14.72 -2.21
CA ASP A 58 2.86 -14.87 -1.25
C ASP A 58 2.69 -13.84 -0.12
N GLY A 59 3.70 -13.70 0.75
CA GLY A 59 3.82 -12.66 1.80
C GLY A 59 3.38 -13.16 3.17
N PRO A 60 2.91 -12.24 4.06
CA PRO A 60 2.45 -12.59 5.40
C PRO A 60 1.00 -13.06 5.45
N ASP A 61 0.62 -13.77 6.53
CA ASP A 61 -0.78 -14.16 6.82
C ASP A 61 -1.57 -12.90 7.19
N ILE A 62 -0.93 -11.99 7.92
CA ILE A 62 -1.53 -10.75 8.50
C ILE A 62 -0.68 -9.55 8.07
N ILE A 63 -1.34 -8.53 7.54
CA ILE A 63 -0.68 -7.25 7.11
C ILE A 63 -1.27 -6.15 7.98
N PHE A 64 -0.41 -5.34 8.60
CA PHE A 64 -0.79 -4.15 9.38
C PHE A 64 -0.42 -2.90 8.59
N TRP A 65 -1.39 -2.04 8.35
CA TRP A 65 -1.16 -0.68 7.85
C TRP A 65 -2.35 0.19 8.22
N ALA A 66 -2.21 1.51 8.11
CA ALA A 66 -3.35 2.43 8.13
C ALA A 66 -4.37 1.92 7.10
N HIS A 67 -5.64 2.14 7.40
CA HIS A 67 -6.81 1.59 6.67
C HIS A 67 -6.89 2.12 5.23
N ASP A 68 -6.22 3.24 4.92
CA ASP A 68 -6.35 3.95 3.62
C ASP A 68 -5.88 3.05 2.47
N ARG A 69 -4.94 2.14 2.74
CA ARG A 69 -4.38 1.20 1.73
C ARG A 69 -5.29 0.00 1.49
N PHE A 70 -6.28 -0.26 2.36
CA PHE A 70 -6.94 -1.59 2.45
C PHE A 70 -8.00 -1.74 1.34
N GLY A 71 -8.72 -0.68 0.97
CA GLY A 71 -9.65 -0.73 -0.17
C GLY A 71 -8.94 -1.22 -1.43
N GLY A 72 -7.75 -0.69 -1.70
CA GLY A 72 -6.90 -1.05 -2.85
C GLY A 72 -6.42 -2.48 -2.75
N TYR A 73 -6.05 -2.93 -1.55
CA TYR A 73 -5.64 -4.33 -1.31
C TYR A 73 -6.83 -5.26 -1.62
N ALA A 74 -8.00 -4.93 -1.08
CA ALA A 74 -9.23 -5.76 -1.22
C ALA A 74 -9.70 -5.74 -2.67
N GLN A 75 -9.51 -4.61 -3.36
CA GLN A 75 -9.88 -4.39 -4.79
C GLN A 75 -9.03 -5.32 -5.66
N SER A 76 -7.75 -5.48 -5.30
CA SER A 76 -6.78 -6.37 -5.98
C SER A 76 -6.89 -7.82 -5.45
N GLY A 77 -7.92 -8.13 -4.67
CA GLY A 77 -8.24 -9.49 -4.18
C GLY A 77 -7.22 -10.00 -3.16
N LEU A 78 -6.44 -9.09 -2.56
CA LEU A 78 -5.29 -9.47 -1.68
C LEU A 78 -5.75 -9.82 -0.25
N LEU A 79 -7.01 -9.55 0.13
CA LEU A 79 -7.49 -9.71 1.53
C LEU A 79 -8.66 -10.70 1.60
N ALA A 80 -8.65 -11.56 2.61
CA ALA A 80 -9.83 -12.36 2.99
C ALA A 80 -10.82 -11.41 3.68
N GLU A 81 -12.10 -11.52 3.34
CA GLU A 81 -13.18 -10.88 4.12
C GLU A 81 -13.12 -11.52 5.51
N ILE A 82 -13.15 -10.71 6.56
CA ILE A 82 -13.00 -11.17 7.97
C ILE A 82 -14.38 -11.49 8.52
N THR A 83 -14.46 -12.46 9.44
CA THR A 83 -15.73 -13.05 9.94
C THR A 83 -15.85 -12.86 11.45
N PRO A 84 -15.72 -11.62 11.98
CA PRO A 84 -15.95 -11.37 13.40
C PRO A 84 -17.44 -11.40 13.75
N ALA A 85 -17.84 -12.25 14.70
CA ALA A 85 -19.22 -12.34 15.23
C ALA A 85 -19.65 -10.95 15.71
N ALA A 86 -20.97 -10.71 15.72
CA ALA A 86 -21.62 -9.47 16.22
C ALA A 86 -21.04 -9.11 17.59
N ALA A 87 -20.86 -10.10 18.46
CA ALA A 87 -20.30 -9.99 19.83
C ALA A 87 -18.93 -9.32 19.80
N PHE A 88 -18.06 -9.75 18.88
CA PHE A 88 -16.68 -9.21 18.75
C PHE A 88 -16.74 -7.77 18.23
N GLN A 89 -17.65 -7.49 17.31
CA GLN A 89 -17.77 -6.14 16.68
C GLN A 89 -18.15 -5.12 17.77
N ASP A 90 -19.06 -5.46 18.69
CA ASP A 90 -19.51 -4.53 19.76
C ASP A 90 -18.34 -4.08 20.62
N LYS A 91 -17.25 -4.85 20.66
CA LYS A 91 -16.07 -4.60 21.53
C LYS A 91 -15.19 -3.48 20.99
N LEU A 92 -15.25 -3.19 19.68
CA LEU A 92 -14.51 -2.07 19.02
C LEU A 92 -15.51 -0.94 18.72
N TYR A 93 -15.02 0.29 18.52
CA TYR A 93 -15.87 1.47 18.19
C TYR A 93 -16.42 1.32 16.76
N PRO A 94 -17.73 1.59 16.54
CA PRO A 94 -18.31 1.54 15.20
C PRO A 94 -17.52 2.35 14.15
N PHE A 95 -16.95 3.48 14.57
CA PHE A 95 -16.13 4.40 13.74
C PHE A 95 -14.96 3.63 13.11
N THR A 96 -14.32 2.78 13.91
CA THR A 96 -13.12 2.00 13.50
C THR A 96 -13.53 0.94 12.47
N TRP A 97 -14.65 0.25 12.69
CA TRP A 97 -15.22 -0.73 11.72
C TRP A 97 -15.47 -0.05 10.37
N ASP A 98 -15.97 1.19 10.35
CA ASP A 98 -16.28 1.95 9.10
C ASP A 98 -15.01 2.09 8.24
N ALA A 99 -13.86 2.37 8.85
CA ALA A 99 -12.56 2.58 8.18
C ALA A 99 -12.10 1.32 7.43
N VAL A 100 -12.56 0.14 7.87
CA VAL A 100 -12.14 -1.19 7.31
C VAL A 100 -13.31 -1.83 6.54
N ARG A 101 -14.34 -1.05 6.22
CA ARG A 101 -15.49 -1.54 5.41
C ARG A 101 -15.33 -1.00 3.99
N TYR A 102 -15.08 -1.89 3.03
CA TYR A 102 -15.01 -1.60 1.58
C TYR A 102 -16.09 -2.41 0.87
N ASN A 103 -16.97 -1.74 0.12
CA ASN A 103 -18.06 -2.36 -0.68
C ASN A 103 -18.96 -3.16 0.26
N GLY A 104 -19.25 -2.60 1.44
CA GLY A 104 -20.12 -3.20 2.47
C GLY A 104 -19.56 -4.49 3.04
N LYS A 105 -18.26 -4.75 2.86
CA LYS A 105 -17.55 -5.92 3.43
C LYS A 105 -16.44 -5.42 4.36
N LEU A 106 -16.32 -6.04 5.54
CA LEU A 106 -15.18 -5.82 6.47
C LEU A 106 -13.96 -6.51 5.88
N ILE A 107 -12.87 -5.77 5.68
CA ILE A 107 -11.65 -6.25 4.97
C ILE A 107 -10.44 -6.20 5.89
N ALA A 108 -10.60 -5.77 7.15
CA ALA A 108 -9.53 -5.76 8.17
C ALA A 108 -10.12 -5.61 9.57
N TYR A 109 -9.33 -5.95 10.57
CA TYR A 109 -9.58 -5.63 12.00
C TYR A 109 -8.98 -4.27 12.30
N PRO A 110 -9.78 -3.25 12.70
CA PRO A 110 -9.21 -1.99 13.15
C PRO A 110 -8.47 -2.26 14.46
N ILE A 111 -7.38 -1.54 14.71
CA ILE A 111 -6.56 -1.65 15.95
C ILE A 111 -6.60 -0.31 16.68
N ALA A 112 -6.23 0.79 16.02
CA ALA A 112 -6.00 2.09 16.69
C ALA A 112 -6.09 3.27 15.72
N VAL A 113 -6.69 4.35 16.23
CA VAL A 113 -6.86 5.66 15.56
C VAL A 113 -5.57 6.46 15.76
N GLU A 114 -4.95 6.86 14.65
CA GLU A 114 -3.70 7.64 14.59
C GLU A 114 -3.99 9.01 13.97
N ALA A 115 -3.55 10.06 14.64
CA ALA A 115 -3.47 11.41 14.05
C ALA A 115 -2.14 12.03 14.46
N LEU A 116 -1.62 12.91 13.61
CA LEU A 116 -0.40 13.68 13.92
C LEU A 116 -0.75 14.69 15.00
N SER A 117 0.20 14.94 15.90
CA SER A 117 0.11 16.07 16.83
C SER A 117 1.39 16.90 16.72
N LEU A 118 1.36 18.14 17.21
CA LEU A 118 2.59 18.91 17.48
C LEU A 118 3.20 18.36 18.77
N ILE A 119 4.48 18.03 18.72
CA ILE A 119 5.28 17.51 19.86
C ILE A 119 6.33 18.56 20.20
N TYR A 120 6.29 19.15 21.39
CA TYR A 120 7.19 20.26 21.74
C TYR A 120 8.02 19.91 22.99
N ASN A 121 9.33 20.13 22.89
CA ASN A 121 10.30 20.23 24.01
C ASN A 121 9.85 21.36 24.93
N LYS A 122 9.32 21.02 26.11
CA LYS A 122 8.79 21.98 27.12
C LYS A 122 9.90 22.83 27.74
N ASP A 123 11.15 22.36 27.73
CA ASP A 123 12.30 23.13 28.26
C ASP A 123 12.62 24.25 27.27
N LEU A 124 12.89 23.88 26.00
CA LEU A 124 13.26 24.81 24.91
C LEU A 124 12.12 25.81 24.65
N LEU A 125 10.87 25.43 24.95
CA LEU A 125 9.66 26.15 24.49
C LEU A 125 8.51 25.82 25.44
N PRO A 126 8.37 26.56 26.56
CA PRO A 126 7.26 26.34 27.48
C PRO A 126 5.90 26.54 26.80
N ASN A 127 5.76 27.59 25.99
CA ASN A 127 4.48 28.02 25.35
C ASN A 127 4.54 27.73 23.86
N PRO A 128 3.97 26.60 23.37
CA PRO A 128 4.08 26.23 21.97
C PRO A 128 3.31 27.18 21.06
N PRO A 129 3.79 27.44 19.81
CA PRO A 129 3.10 28.32 18.88
C PRO A 129 1.69 27.83 18.52
N LYS A 130 0.72 28.72 18.52
CA LYS A 130 -0.69 28.41 18.15
C LYS A 130 -0.83 28.51 16.62
N THR A 131 0.12 29.14 15.94
CA THR A 131 0.07 29.35 14.46
C THR A 131 1.35 28.87 13.81
N TRP A 132 1.24 28.40 12.57
CA TRP A 132 2.39 28.12 11.67
C TRP A 132 3.18 29.40 11.42
N GLU A 133 2.49 30.55 11.39
CA GLU A 133 3.05 31.83 10.89
C GLU A 133 4.08 32.36 11.88
N GLU A 134 3.90 32.11 13.17
CA GLU A 134 4.82 32.69 14.20
C GLU A 134 6.09 31.84 14.27
N ILE A 135 6.16 30.75 13.51
CA ILE A 135 7.26 29.73 13.59
C ILE A 135 8.59 30.31 13.07
N PRO A 136 8.64 31.03 11.93
CA PRO A 136 9.87 31.71 11.49
C PRO A 136 10.56 32.54 12.59
N ALA A 137 9.79 33.38 13.28
CA ALA A 137 10.26 34.29 14.35
C ALA A 137 10.76 33.45 15.53
N LEU A 138 10.14 32.29 15.76
CA LEU A 138 10.52 31.35 16.84
C LEU A 138 11.83 30.66 16.46
N ASP A 139 11.98 30.26 15.20
CA ASP A 139 13.21 29.60 14.69
C ASP A 139 14.38 30.58 14.72
N LYS A 140 14.12 31.88 14.58
CA LYS A 140 15.19 32.93 14.65
C LYS A 140 15.64 33.03 16.11
N GLU A 141 14.71 33.26 17.04
CA GLU A 141 15.00 33.34 18.48
C GLU A 141 15.76 32.09 18.95
N LEU A 142 15.50 30.94 18.31
CA LEU A 142 16.06 29.61 18.69
C LEU A 142 17.36 29.33 17.91
N LYS A 143 17.49 29.83 16.68
CA LYS A 143 18.74 29.72 15.88
C LYS A 143 19.83 30.53 16.57
N ALA A 144 19.43 31.57 17.34
CA ALA A 144 20.33 32.39 18.18
C ALA A 144 21.11 31.46 19.12
N LYS A 145 20.40 30.51 19.73
CA LYS A 145 20.91 29.59 20.78
C LYS A 145 21.34 28.25 20.14
N GLY A 146 21.67 28.25 18.85
CA GLY A 146 22.19 27.08 18.11
C GLY A 146 21.13 26.00 17.89
N LYS A 147 19.85 26.31 18.12
CA LYS A 147 18.71 25.36 17.96
C LYS A 147 17.99 25.64 16.65
N SER A 148 16.95 24.84 16.36
CA SER A 148 15.91 25.13 15.35
C SER A 148 14.55 25.00 16.04
N ALA A 149 13.48 25.47 15.39
CA ALA A 149 12.12 25.54 15.96
C ALA A 149 11.36 24.24 15.68
N LEU A 150 11.62 23.63 14.53
CA LEU A 150 10.69 22.61 13.97
C LEU A 150 11.38 21.75 12.91
N MET A 151 11.38 20.44 13.14
CA MET A 151 11.85 19.41 12.17
C MET A 151 10.90 18.22 12.21
N PHE A 152 10.41 17.85 11.03
CA PHE A 152 9.54 16.68 10.82
C PHE A 152 9.84 16.12 9.43
N ASN A 153 9.37 14.91 9.19
CA ASN A 153 9.61 14.15 7.93
C ASN A 153 8.96 14.89 6.76
N LEU A 154 9.77 15.43 5.86
CA LEU A 154 9.30 16.10 4.62
C LEU A 154 9.27 15.12 3.45
N GLN A 155 9.65 13.85 3.64
CA GLN A 155 9.74 12.84 2.56
C GLN A 155 8.40 12.11 2.40
N GLU A 156 7.54 12.20 3.41
CA GLU A 156 6.23 11.50 3.43
C GLU A 156 5.13 12.55 3.50
N PRO A 157 4.27 12.62 2.47
CA PRO A 157 3.27 13.67 2.39
C PRO A 157 2.27 13.70 3.56
N TYR A 158 2.09 12.55 4.23
CA TYR A 158 1.29 12.42 5.47
C TYR A 158 1.56 13.57 6.44
N PHE A 159 2.82 13.97 6.58
CA PHE A 159 3.30 14.90 7.63
C PHE A 159 3.07 16.36 7.21
N THR A 160 3.06 16.64 5.91
CA THR A 160 2.88 18.02 5.38
C THR A 160 1.40 18.24 5.08
N TRP A 161 0.63 17.17 4.87
CA TRP A 161 -0.80 17.25 4.48
C TRP A 161 -1.64 18.10 5.43
N PRO A 162 -1.41 18.11 6.76
CA PRO A 162 -2.24 18.93 7.65
C PRO A 162 -2.20 20.42 7.29
N LEU A 163 -1.00 20.92 6.99
CA LEU A 163 -0.76 22.31 6.52
C LEU A 163 -1.46 22.51 5.17
N ILE A 164 -1.25 21.60 4.23
CA ILE A 164 -1.82 21.69 2.87
C ILE A 164 -3.35 21.75 2.97
N ALA A 165 -3.95 20.94 3.85
CA ALA A 165 -5.41 20.82 4.02
C ALA A 165 -5.98 22.04 4.76
N ALA A 166 -5.16 22.72 5.58
CA ALA A 166 -5.60 23.77 6.52
C ALA A 166 -6.54 24.77 5.83
N ASP A 167 -6.09 25.34 4.71
CA ASP A 167 -6.81 26.46 4.05
C ASP A 167 -7.62 25.98 2.85
N GLY A 168 -7.84 24.66 2.70
CA GLY A 168 -8.84 24.14 1.74
C GLY A 168 -8.37 22.99 0.87
N GLY A 169 -7.12 22.54 1.00
CA GLY A 169 -6.66 21.29 0.39
C GLY A 169 -7.55 20.14 0.85
N TYR A 170 -7.92 19.24 -0.08
CA TYR A 170 -8.65 17.98 0.22
C TYR A 170 -8.20 16.92 -0.78
N ALA A 171 -8.41 15.64 -0.45
CA ALA A 171 -8.11 14.50 -1.32
C ALA A 171 -9.27 14.32 -2.31
N PHE A 172 -10.33 13.63 -1.91
CA PHE A 172 -11.57 13.47 -2.70
C PHE A 172 -12.74 14.00 -1.87
N LYS A 173 -13.60 14.81 -2.51
CA LYS A 173 -14.84 15.35 -1.87
C LYS A 173 -15.88 14.23 -1.85
N TYR A 174 -16.31 13.80 -0.66
CA TYR A 174 -17.39 12.83 -0.45
C TYR A 174 -18.71 13.46 -0.90
N ALA A 175 -19.60 12.67 -1.51
CA ALA A 175 -20.90 13.10 -2.06
C ALA A 175 -21.73 11.86 -2.44
N ALA A 176 -23.04 11.94 -2.23
CA ALA A 176 -24.05 10.93 -2.64
C ALA A 176 -23.56 9.53 -2.23
N GLY A 177 -23.00 9.41 -1.02
CA GLY A 177 -22.60 8.14 -0.41
C GLY A 177 -21.37 7.53 -1.05
N LYS A 178 -20.48 8.35 -1.62
CA LYS A 178 -19.23 7.88 -2.27
C LYS A 178 -18.27 9.08 -2.45
N TYR A 179 -16.98 8.77 -2.60
CA TYR A 179 -15.94 9.77 -2.95
C TYR A 179 -15.93 9.94 -4.48
N ASP A 180 -15.92 11.19 -4.95
CA ASP A 180 -15.81 11.54 -6.40
C ASP A 180 -14.33 11.69 -6.75
N ILE A 181 -13.75 10.71 -7.46
CA ILE A 181 -12.29 10.61 -7.74
C ILE A 181 -11.89 11.59 -8.86
N LYS A 182 -12.85 12.33 -9.43
CA LYS A 182 -12.59 13.42 -10.39
C LYS A 182 -12.48 14.77 -9.66
N ASP A 183 -13.09 14.88 -8.47
CA ASP A 183 -13.09 16.13 -7.65
C ASP A 183 -11.97 16.02 -6.61
N VAL A 184 -10.76 16.41 -7.02
CA VAL A 184 -9.54 16.42 -6.19
C VAL A 184 -9.25 17.87 -5.77
N GLY A 185 -8.76 18.07 -4.55
CA GLY A 185 -8.53 19.41 -3.96
C GLY A 185 -7.06 19.63 -3.70
N VAL A 186 -6.21 19.14 -4.59
CA VAL A 186 -4.73 19.16 -4.42
C VAL A 186 -4.16 20.47 -4.97
N ASP A 187 -4.83 21.12 -5.94
CA ASP A 187 -4.26 22.33 -6.60
C ASP A 187 -5.23 23.52 -6.47
N ASN A 188 -5.97 23.62 -5.36
CA ASN A 188 -6.79 24.82 -5.06
C ASN A 188 -5.90 25.82 -4.30
N ALA A 189 -6.42 27.04 -4.11
CA ALA A 189 -5.75 28.17 -3.44
C ALA A 189 -5.29 27.75 -2.03
N GLY A 190 -6.17 27.06 -1.32
CA GLY A 190 -5.88 26.45 -0.01
C GLY A 190 -4.61 25.62 -0.06
N ALA A 191 -4.59 24.60 -0.91
CA ALA A 191 -3.47 23.63 -1.03
C ALA A 191 -2.19 24.39 -1.43
N LYS A 192 -2.30 25.35 -2.34
CA LYS A 192 -1.13 26.15 -2.80
C LYS A 192 -0.59 26.95 -1.63
N ALA A 193 -1.46 27.61 -0.85
CA ALA A 193 -1.02 28.50 0.24
C ALA A 193 -0.26 27.68 1.29
N GLY A 194 -0.77 26.49 1.62
CA GLY A 194 -0.14 25.58 2.59
C GLY A 194 1.22 25.12 2.11
N LEU A 195 1.31 24.61 0.89
CA LEU A 195 2.58 24.05 0.37
C LEU A 195 3.56 25.20 0.12
N THR A 196 3.07 26.37 -0.26
CA THR A 196 3.90 27.60 -0.43
C THR A 196 4.58 27.96 0.89
N PHE A 197 3.82 27.90 1.99
CA PHE A 197 4.35 28.21 3.33
C PHE A 197 5.42 27.18 3.68
N LEU A 198 5.23 25.91 3.35
CA LEU A 198 6.27 24.89 3.65
C LEU A 198 7.53 25.26 2.86
N VAL A 199 7.37 25.53 1.57
CA VAL A 199 8.48 25.90 0.64
C VAL A 199 9.22 27.13 1.20
N ASP A 200 8.49 28.15 1.67
CA ASP A 200 9.09 29.41 2.21
C ASP A 200 9.84 29.13 3.52
N LEU A 201 9.38 28.17 4.33
CA LEU A 201 10.13 27.74 5.55
C LEU A 201 11.48 27.17 5.13
N ILE A 202 11.54 26.46 4.00
CA ILE A 202 12.77 25.78 3.50
C ILE A 202 13.71 26.84 2.90
N LYS A 203 13.21 27.60 1.92
CA LYS A 203 13.91 28.75 1.26
C LYS A 203 14.49 29.73 2.29
N ASN A 204 13.84 29.89 3.45
CA ASN A 204 14.27 30.81 4.54
C ASN A 204 14.99 30.05 5.65
N LYS A 205 15.46 28.82 5.36
CA LYS A 205 16.32 27.98 6.24
C LYS A 205 15.69 27.79 7.63
N HIS A 206 14.37 27.79 7.75
CA HIS A 206 13.67 27.36 9.00
C HIS A 206 13.59 25.83 9.01
N MET A 207 13.67 25.21 7.84
CA MET A 207 13.63 23.74 7.65
C MET A 207 14.45 23.34 6.44
N ASN A 208 14.70 22.04 6.32
CA ASN A 208 15.62 21.41 5.36
C ASN A 208 14.85 20.32 4.61
N ALA A 209 14.84 20.38 3.27
CA ALA A 209 13.98 19.57 2.38
C ALA A 209 14.35 18.08 2.42
N ASP A 210 15.54 17.72 2.93
CA ASP A 210 16.01 16.31 2.97
C ASP A 210 15.74 15.70 4.35
N THR A 211 15.39 16.52 5.36
CA THR A 211 14.86 16.06 6.67
C THR A 211 13.85 14.93 6.42
N ASP A 212 14.15 13.75 6.95
CA ASP A 212 13.29 12.54 6.83
C ASP A 212 12.87 12.16 8.25
N TYR A 213 12.23 10.99 8.40
CA TYR A 213 11.72 10.54 9.72
C TYR A 213 12.87 10.44 10.72
N SER A 214 13.92 9.70 10.37
CA SER A 214 15.11 9.42 11.22
C SER A 214 15.74 10.72 11.71
N ILE A 215 16.07 11.63 10.78
CA ILE A 215 16.71 12.95 11.04
C ILE A 215 15.83 13.80 11.97
N ALA A 216 14.55 13.98 11.64
CA ALA A 216 13.60 14.80 12.44
C ALA A 216 13.51 14.22 13.86
N GLU A 217 13.35 12.90 13.98
CA GLU A 217 13.23 12.19 15.27
C GLU A 217 14.53 12.34 16.09
N ALA A 218 15.66 11.96 15.51
CA ALA A 218 17.00 12.00 16.13
C ALA A 218 17.27 13.42 16.62
N ALA A 219 16.88 14.41 15.83
CA ALA A 219 17.10 15.85 16.12
C ALA A 219 16.29 16.26 17.35
N PHE A 220 15.03 15.86 17.42
CA PHE A 220 14.11 16.28 18.51
C PHE A 220 14.47 15.56 19.81
N ASN A 221 14.98 14.34 19.69
CA ASN A 221 15.21 13.43 20.85
C ASN A 221 16.58 13.73 21.48
N LYS A 222 17.46 14.44 20.76
CA LYS A 222 18.74 14.96 21.28
C LYS A 222 18.56 16.40 21.78
N GLY A 223 17.35 16.97 21.64
CA GLY A 223 17.00 18.32 22.14
C GLY A 223 17.55 19.41 21.23
N GLU A 224 17.83 19.08 19.96
CA GLU A 224 18.40 20.01 18.95
C GLU A 224 17.31 20.89 18.34
N THR A 225 16.07 20.40 18.28
CA THR A 225 14.92 21.13 17.66
C THR A 225 13.78 21.19 18.68
N ALA A 226 13.10 22.34 18.75
CA ALA A 226 12.10 22.69 19.78
C ALA A 226 10.77 21.98 19.53
N MET A 227 10.47 21.54 18.30
CA MET A 227 9.18 20.92 17.93
C MET A 227 9.37 19.87 16.84
N THR A 228 8.50 18.86 16.83
CA THR A 228 8.36 17.89 15.73
C THR A 228 6.87 17.69 15.47
N ILE A 229 6.54 17.06 14.35
CA ILE A 229 5.15 16.63 14.01
C ILE A 229 5.24 15.13 13.81
N ASN A 230 4.49 14.38 14.62
CA ASN A 230 4.56 12.91 14.60
C ASN A 230 3.34 12.32 15.30
N GLY A 231 3.17 11.01 15.12
CA GLY A 231 2.03 10.23 15.64
C GLY A 231 2.37 9.56 16.97
N PRO A 232 1.37 8.95 17.64
CA PRO A 232 1.57 8.31 18.94
C PRO A 232 2.78 7.36 19.03
N TRP A 233 3.11 6.67 17.94
CA TRP A 233 4.15 5.61 17.89
C TRP A 233 5.53 6.19 18.28
N ALA A 234 5.76 7.47 18.00
CA ALA A 234 7.05 8.17 18.22
C ALA A 234 7.29 8.43 19.71
N TRP A 235 6.27 8.38 20.57
CA TRP A 235 6.37 8.80 22.01
C TRP A 235 7.41 7.94 22.76
N SER A 236 7.52 6.65 22.45
CA SER A 236 8.43 5.71 23.15
C SER A 236 9.86 6.20 23.07
N ASN A 237 10.35 6.51 21.86
CA ASN A 237 11.75 6.93 21.65
C ASN A 237 12.01 8.25 22.37
N ILE A 238 11.00 9.12 22.51
CA ILE A 238 11.15 10.42 23.24
C ILE A 238 11.23 10.13 24.74
N ASP A 239 10.39 9.22 25.23
CA ASP A 239 10.40 8.72 26.63
C ASP A 239 11.80 8.24 27.00
N THR A 240 12.42 7.42 26.14
CA THR A 240 13.82 6.90 26.28
C THR A 240 14.79 8.08 26.43
N SER A 241 14.71 9.06 25.53
CA SER A 241 15.50 10.32 25.56
C SER A 241 15.22 11.11 26.85
N ALA A 242 16.03 12.15 27.10
CA ALA A 242 15.96 13.01 28.30
C ALA A 242 14.89 14.09 28.11
N VAL A 243 14.40 14.28 26.88
CA VAL A 243 13.53 15.41 26.49
C VAL A 243 12.19 15.28 27.23
N ASN A 244 11.80 16.32 27.96
CA ASN A 244 10.45 16.50 28.53
C ASN A 244 9.61 17.15 27.42
N TYR A 245 8.53 16.49 27.02
CA TYR A 245 7.78 16.85 25.79
C TYR A 245 6.30 16.96 26.12
N GLY A 246 5.63 17.83 25.37
CA GLY A 246 4.16 17.95 25.33
C GLY A 246 3.64 17.46 24.00
N VAL A 247 2.45 16.90 23.99
CA VAL A 247 1.70 16.57 22.75
C VAL A 247 0.50 17.50 22.73
N THR A 248 0.34 18.29 21.67
CA THR A 248 -0.65 19.38 21.62
C THR A 248 -1.23 19.55 20.20
N VAL A 249 -2.22 20.42 20.10
CA VAL A 249 -2.96 20.74 18.84
C VAL A 249 -1.93 21.24 17.83
N LEU A 250 -2.06 20.88 16.55
CA LEU A 250 -1.15 21.39 15.50
C LEU A 250 -1.36 22.90 15.40
N PRO A 251 -0.35 23.67 14.95
CA PRO A 251 -0.53 25.08 14.74
C PRO A 251 -1.67 25.31 13.74
N THR A 252 -2.36 26.45 13.86
CA THR A 252 -3.32 26.90 12.83
C THR A 252 -2.52 27.46 11.66
N PHE A 253 -3.13 27.50 10.48
CA PHE A 253 -2.56 28.14 9.27
C PHE A 253 -3.67 29.03 8.70
N LYS A 254 -3.35 30.31 8.46
CA LYS A 254 -4.32 31.33 7.99
C LYS A 254 -5.56 31.29 8.89
N GLY A 255 -5.37 31.07 10.19
CA GLY A 255 -6.44 31.08 11.21
C GLY A 255 -7.22 29.77 11.25
N GLN A 256 -6.91 28.82 10.36
CA GLN A 256 -7.65 27.54 10.20
C GLN A 256 -6.92 26.44 10.96
N PRO A 257 -7.63 25.48 11.60
CA PRO A 257 -6.98 24.28 12.11
C PRO A 257 -6.18 23.56 11.01
N SER A 258 -4.97 23.08 11.32
CA SER A 258 -4.27 22.05 10.52
C SER A 258 -5.14 20.78 10.57
N LYS A 259 -5.27 20.08 9.43
CA LYS A 259 -6.25 18.98 9.23
C LYS A 259 -5.46 17.73 8.91
N PRO A 260 -5.01 16.98 9.93
CA PRO A 260 -4.23 15.77 9.69
C PRO A 260 -5.18 14.71 9.13
N PHE A 261 -4.71 13.94 8.17
CA PHE A 261 -5.42 12.73 7.71
C PHE A 261 -5.34 11.71 8.84
N VAL A 262 -6.50 11.21 9.27
CA VAL A 262 -6.64 10.28 10.42
C VAL A 262 -6.57 8.86 9.88
N GLY A 263 -5.58 8.09 10.33
CA GLY A 263 -5.39 6.69 9.96
C GLY A 263 -5.92 5.78 11.04
N VAL A 264 -6.58 4.70 10.65
CA VAL A 264 -6.93 3.59 11.57
C VAL A 264 -5.97 2.44 11.27
N LEU A 265 -4.90 2.28 12.07
CA LEU A 265 -4.03 1.08 12.04
C LEU A 265 -4.94 -0.15 12.02
N SER A 266 -4.80 -0.97 10.99
CA SER A 266 -5.74 -2.07 10.65
C SER A 266 -4.93 -3.32 10.35
N ALA A 267 -5.51 -4.49 10.64
CA ALA A 267 -4.86 -5.80 10.46
C ALA A 267 -5.71 -6.60 9.47
N GLY A 268 -5.17 -6.82 8.27
CA GLY A 268 -5.80 -7.63 7.22
C GLY A 268 -5.21 -9.03 7.16
N ILE A 269 -6.04 -9.99 6.80
CA ILE A 269 -5.66 -11.41 6.56
C ILE A 269 -5.43 -11.58 5.05
N ASN A 270 -4.23 -12.01 4.66
CA ASN A 270 -3.85 -12.35 3.27
C ASN A 270 -4.94 -13.27 2.69
N ALA A 271 -5.42 -12.95 1.48
CA ALA A 271 -6.34 -13.81 0.70
C ALA A 271 -5.71 -15.19 0.46
N ALA A 272 -4.38 -15.26 0.32
CA ALA A 272 -3.63 -16.49 -0.01
C ALA A 272 -3.24 -17.28 1.24
N SER A 273 -3.70 -16.88 2.44
CA SER A 273 -3.29 -17.52 3.71
C SER A 273 -3.99 -18.87 3.85
N PRO A 274 -3.24 -19.96 4.15
CA PRO A 274 -3.85 -21.20 4.59
C PRO A 274 -4.29 -21.13 6.05
N ASN A 275 -3.81 -20.11 6.78
CA ASN A 275 -3.94 -19.97 8.25
C ASN A 275 -4.94 -18.87 8.62
N LYS A 276 -6.08 -18.78 7.92
CA LYS A 276 -7.08 -17.71 8.15
C LYS A 276 -7.71 -17.83 9.54
N GLU A 277 -8.01 -19.06 9.98
N GLU A 277 -7.98 -19.07 9.97
CA GLU A 277 -8.62 -19.34 11.29
CA GLU A 277 -8.62 -19.40 11.28
C GLU A 277 -7.64 -18.97 12.41
C GLU A 277 -7.65 -19.01 12.41
N LEU A 278 -6.37 -19.34 12.25
CA LEU A 278 -5.30 -19.00 13.21
C LEU A 278 -5.13 -17.47 13.30
N ALA A 279 -5.25 -16.75 12.17
CA ALA A 279 -5.04 -15.28 12.12
C ALA A 279 -6.22 -14.59 12.82
N LYS A 280 -7.45 -15.07 12.57
CA LYS A 280 -8.68 -14.63 13.28
C LYS A 280 -8.48 -14.86 14.77
N GLU A 281 -8.06 -16.07 15.18
CA GLU A 281 -7.84 -16.42 16.61
C GLU A 281 -6.86 -15.40 17.21
N PHE A 282 -5.67 -15.26 16.62
CA PHE A 282 -4.58 -14.39 17.13
C PHE A 282 -5.08 -12.94 17.27
N LEU A 283 -5.79 -12.43 16.27
CA LEU A 283 -6.20 -11.00 16.20
C LEU A 283 -7.33 -10.73 17.19
N GLU A 284 -8.36 -11.57 17.20
CA GLU A 284 -9.58 -11.32 18.01
C GLU A 284 -9.30 -11.62 19.49
N ASN A 285 -8.50 -12.65 19.78
CA ASN A 285 -8.50 -13.32 21.11
C ASN A 285 -7.15 -13.13 21.80
N TYR A 286 -6.11 -12.66 21.10
CA TYR A 286 -4.79 -12.36 21.70
C TYR A 286 -4.46 -10.87 21.53
N LEU A 287 -4.41 -10.37 20.29
CA LEU A 287 -4.03 -8.96 20.01
C LEU A 287 -5.12 -8.02 20.52
N LEU A 288 -6.35 -8.16 20.01
CA LEU A 288 -7.44 -7.19 20.30
C LEU A 288 -8.06 -7.50 21.67
N THR A 289 -7.21 -7.57 22.68
CA THR A 289 -7.58 -7.64 24.12
C THR A 289 -6.80 -6.57 24.86
N ASP A 290 -7.15 -6.29 26.12
CA ASP A 290 -6.42 -5.34 26.99
C ASP A 290 -4.96 -5.75 27.08
N GLU A 291 -4.71 -7.04 27.32
CA GLU A 291 -3.35 -7.63 27.51
C GLU A 291 -2.53 -7.47 26.21
N GLY A 292 -3.12 -7.75 25.05
CA GLY A 292 -2.43 -7.72 23.74
C GLY A 292 -2.08 -6.31 23.33
N LEU A 293 -3.05 -5.39 23.40
CA LEU A 293 -2.86 -3.96 23.05
C LEU A 293 -1.85 -3.32 24.00
N GLU A 294 -1.92 -3.63 25.30
CA GLU A 294 -0.95 -3.08 26.28
C GLU A 294 0.45 -3.51 25.85
N ALA A 295 0.62 -4.77 25.45
CA ALA A 295 1.93 -5.35 25.05
C ALA A 295 2.46 -4.58 23.83
N VAL A 296 1.59 -4.14 22.91
CA VAL A 296 1.99 -3.40 21.69
C VAL A 296 2.17 -1.92 22.09
N ASN A 297 1.18 -1.37 22.78
CA ASN A 297 1.13 0.07 23.16
C ASN A 297 2.35 0.46 24.00
N LYS A 298 2.81 -0.39 24.93
CA LYS A 298 3.97 -0.06 25.81
C LYS A 298 5.28 -0.09 25.01
N ASP A 299 5.31 -0.80 23.89
CA ASP A 299 6.48 -0.80 22.97
C ASP A 299 6.46 0.53 22.20
N LYS A 300 5.34 0.79 21.50
CA LYS A 300 5.09 1.99 20.68
C LYS A 300 3.60 2.30 20.78
N PRO A 301 3.22 3.48 21.35
CA PRO A 301 1.81 3.79 21.54
C PRO A 301 1.04 3.71 20.21
N LEU A 302 -0.16 3.14 20.30
CA LEU A 302 -1.05 2.85 19.15
C LEU A 302 -1.87 4.09 18.84
N GLY A 303 -2.04 4.97 19.83
CA GLY A 303 -3.00 6.09 19.83
C GLY A 303 -4.27 5.71 20.56
N ALA A 304 -5.43 6.11 20.03
CA ALA A 304 -6.77 5.82 20.60
C ALA A 304 -7.26 4.46 20.05
N VAL A 305 -7.13 3.40 20.85
CA VAL A 305 -7.37 2.01 20.38
C VAL A 305 -8.85 1.82 20.06
N ALA A 306 -9.13 0.94 19.10
CA ALA A 306 -10.49 0.59 18.60
C ALA A 306 -11.24 -0.20 19.68
N LEU A 307 -10.53 -0.90 20.56
CA LEU A 307 -11.12 -1.77 21.61
C LEU A 307 -11.62 -0.90 22.76
N LYS A 308 -12.95 -0.78 22.92
CA LYS A 308 -13.61 0.07 23.94
C LYS A 308 -12.93 -0.08 25.31
N SER A 309 -12.81 -1.31 25.82
CA SER A 309 -12.30 -1.60 27.18
C SER A 309 -10.97 -0.87 27.41
N TYR A 310 -10.00 -0.98 26.49
CA TYR A 310 -8.62 -0.45 26.70
C TYR A 310 -8.56 1.03 26.33
N GLU A 311 -9.40 1.47 25.40
CA GLU A 311 -9.50 2.90 25.00
C GLU A 311 -9.85 3.70 26.26
N GLU A 312 -10.81 3.20 27.06
CA GLU A 312 -11.32 3.88 28.29
C GLU A 312 -10.19 4.02 29.31
N GLU A 313 -9.39 2.96 29.49
CA GLU A 313 -8.23 2.90 30.43
C GLU A 313 -7.18 3.94 30.03
N LEU A 314 -6.96 4.14 28.72
CA LEU A 314 -5.89 5.03 28.16
C LEU A 314 -6.40 6.45 27.94
N ALA A 315 -7.72 6.66 27.87
CA ALA A 315 -8.37 7.92 27.44
C ALA A 315 -7.89 9.10 28.30
N LYS A 316 -7.56 8.84 29.57
CA LYS A 316 -7.18 9.88 30.57
C LYS A 316 -5.85 10.53 30.17
N ASP A 317 -4.97 9.79 29.48
CA ASP A 317 -3.63 10.27 29.04
C ASP A 317 -3.82 11.49 28.16
N PRO A 318 -3.19 12.65 28.46
CA PRO A 318 -3.40 13.89 27.70
C PRO A 318 -2.79 13.88 26.29
N ARG A 319 -1.79 13.02 26.07
CA ARG A 319 -1.18 12.83 24.73
C ARG A 319 -2.23 12.24 23.79
N ILE A 320 -3.11 11.39 24.33
CA ILE A 320 -4.20 10.70 23.58
C ILE A 320 -5.33 11.71 23.34
N ALA A 321 -5.62 12.56 24.32
CA ALA A 321 -6.62 13.66 24.18
C ALA A 321 -6.17 14.65 23.11
N ALA A 322 -4.88 15.02 23.07
CA ALA A 322 -4.33 15.92 22.01
C ALA A 322 -4.45 15.22 20.64
N THR A 323 -4.07 13.94 20.57
CA THR A 323 -4.24 13.12 19.34
C THR A 323 -5.68 13.23 18.83
N MET A 324 -6.66 13.04 19.72
CA MET A 324 -8.11 13.03 19.37
C MET A 324 -8.53 14.45 18.97
N GLU A 325 -8.00 15.47 19.64
CA GLU A 325 -8.27 16.88 19.28
C GLU A 325 -7.80 17.11 17.83
N ASN A 326 -6.61 16.64 17.48
CA ASN A 326 -6.04 16.86 16.13
C ASN A 326 -6.85 16.06 15.10
N ALA A 327 -7.20 14.82 15.45
CA ALA A 327 -8.02 13.89 14.65
C ALA A 327 -9.35 14.55 14.33
N GLN A 328 -9.95 15.18 15.34
CA GLN A 328 -11.29 15.83 15.24
C GLN A 328 -11.20 17.00 14.27
N LYS A 329 -10.06 17.68 14.22
CA LYS A 329 -9.85 18.80 13.28
C LYS A 329 -9.50 18.25 11.91
N GLY A 330 -9.02 17.00 11.84
CA GLY A 330 -8.60 16.34 10.59
C GLY A 330 -9.76 15.60 9.92
N GLU A 331 -9.46 14.81 8.89
CA GLU A 331 -10.46 13.97 8.19
C GLU A 331 -9.98 12.53 8.27
N ILE A 332 -10.90 11.60 8.49
CA ILE A 332 -10.66 10.15 8.27
C ILE A 332 -10.23 9.99 6.81
N MET A 333 -9.12 9.30 6.56
CA MET A 333 -8.68 8.95 5.18
C MET A 333 -9.73 8.06 4.56
N PRO A 334 -10.06 8.28 3.27
CA PRO A 334 -10.81 7.28 2.50
C PRO A 334 -9.99 5.98 2.48
N ASN A 335 -10.66 4.83 2.32
CA ASN A 335 -9.96 3.54 2.07
C ASN A 335 -9.98 3.21 0.57
N ILE A 336 -10.50 4.09 -0.28
CA ILE A 336 -10.74 3.77 -1.72
C ILE A 336 -9.43 3.43 -2.40
N PRO A 337 -9.45 2.53 -3.41
CA PRO A 337 -8.25 2.18 -4.18
C PRO A 337 -7.42 3.39 -4.65
N GLN A 338 -8.08 4.49 -5.03
CA GLN A 338 -7.45 5.73 -5.58
C GLN A 338 -6.53 6.42 -4.58
N MET A 339 -6.57 6.08 -3.28
CA MET A 339 -5.73 6.75 -2.25
C MET A 339 -4.23 6.58 -2.55
N SER A 340 -3.80 5.41 -3.04
CA SER A 340 -2.38 5.18 -3.35
C SER A 340 -1.93 6.13 -4.46
N ALA A 341 -2.78 6.35 -5.48
CA ALA A 341 -2.53 7.30 -6.58
C ALA A 341 -2.43 8.72 -5.99
N PHE A 342 -3.43 9.13 -5.21
CA PHE A 342 -3.42 10.40 -4.44
C PHE A 342 -2.11 10.55 -3.66
N TRP A 343 -1.73 9.57 -2.82
CA TRP A 343 -0.53 9.67 -1.95
C TRP A 343 0.74 9.76 -2.81
N TYR A 344 0.85 8.95 -3.85
CA TYR A 344 2.01 8.98 -4.78
C TYR A 344 2.11 10.37 -5.43
N ALA A 345 0.98 10.90 -5.90
CA ALA A 345 0.87 12.21 -6.55
C ALA A 345 1.33 13.33 -5.59
N VAL A 346 0.85 13.33 -4.33
CA VAL A 346 1.18 14.39 -3.34
C VAL A 346 2.61 14.21 -2.82
N ARG A 347 3.11 12.98 -2.67
CA ARG A 347 4.53 12.76 -2.28
C ARG A 347 5.42 13.47 -3.30
N THR A 348 5.08 13.30 -4.58
CA THR A 348 5.81 13.87 -5.73
C THR A 348 5.82 15.39 -5.58
N ALA A 349 4.61 15.99 -5.52
CA ALA A 349 4.40 17.46 -5.47
C ALA A 349 5.18 18.06 -4.31
N VAL A 350 5.12 17.46 -3.11
CA VAL A 350 5.73 18.04 -1.88
C VAL A 350 7.26 17.96 -2.01
N ILE A 351 7.80 16.80 -2.39
CA ILE A 351 9.28 16.57 -2.53
C ILE A 351 9.83 17.55 -3.57
N ASN A 352 9.22 17.60 -4.75
CA ASN A 352 9.63 18.48 -5.88
C ASN A 352 9.63 19.93 -5.37
N ALA A 353 8.46 20.46 -5.03
CA ALA A 353 8.27 21.84 -4.51
C ALA A 353 9.32 22.12 -3.43
N ALA A 354 9.48 21.23 -2.45
CA ALA A 354 10.39 21.41 -1.28
C ALA A 354 11.86 21.52 -1.71
N SER A 355 12.21 20.96 -2.87
CA SER A 355 13.59 20.87 -3.39
C SER A 355 13.76 21.74 -4.65
N GLY A 356 12.82 22.64 -4.91
CA GLY A 356 12.90 23.64 -6.00
C GLY A 356 12.71 23.05 -7.39
N ARG A 357 12.76 21.72 -7.54
CA ARG A 357 12.61 21.00 -8.84
C ARG A 357 11.39 21.52 -9.59
N GLN A 358 10.30 21.77 -8.85
CA GLN A 358 9.10 22.44 -9.38
C GLN A 358 8.75 23.60 -8.47
N THR A 359 7.95 24.54 -8.97
CA THR A 359 7.20 25.52 -8.15
C THR A 359 6.03 24.76 -7.53
N VAL A 360 5.41 25.37 -6.51
CA VAL A 360 4.16 24.86 -5.89
C VAL A 360 3.12 24.64 -6.99
N ASP A 361 2.94 25.63 -7.86
CA ASP A 361 1.85 25.67 -8.86
C ASP A 361 2.03 24.54 -9.89
N GLU A 362 3.26 24.29 -10.34
CA GLU A 362 3.56 23.15 -11.25
C GLU A 362 3.28 21.84 -10.51
N ALA A 363 3.98 21.64 -9.39
CA ALA A 363 3.91 20.43 -8.54
C ALA A 363 2.45 20.04 -8.31
N LEU A 364 1.64 20.97 -7.81
CA LEU A 364 0.24 20.70 -7.44
C LEU A 364 -0.62 20.53 -8.70
N LYS A 365 -0.35 21.28 -9.77
CA LYS A 365 -1.02 21.06 -11.09
C LYS A 365 -0.75 19.61 -11.53
N ASP A 366 0.49 19.16 -11.45
CA ASP A 366 0.88 17.75 -11.79
C ASP A 366 0.15 16.78 -10.85
N ALA A 367 0.20 17.04 -9.54
CA ALA A 367 -0.40 16.18 -8.49
C ALA A 367 -1.92 16.08 -8.65
N GLN A 368 -2.57 17.20 -8.99
CA GLN A 368 -4.03 17.26 -9.26
C GLN A 368 -4.41 16.25 -10.34
N THR A 369 -3.65 16.22 -11.44
CA THR A 369 -3.84 15.28 -12.59
C THR A 369 -3.48 13.85 -12.18
N ASN A 370 -2.41 13.65 -11.42
CA ASN A 370 -1.93 12.28 -11.05
C ASN A 370 -2.90 11.67 -10.02
N ALA A 371 -3.46 12.49 -9.13
CA ALA A 371 -4.38 12.04 -8.05
C ALA A 371 -5.70 11.58 -8.66
N ALA A 372 -6.09 12.17 -9.80
CA ALA A 372 -7.33 11.82 -10.52
C ALA A 372 -7.09 10.70 -11.54
N ALA A 373 -5.84 10.32 -11.83
CA ALA A 373 -5.47 9.32 -12.87
C ALA A 373 -6.01 7.93 -12.49
N VAL A 374 -7.01 7.45 -13.23
CA VAL A 374 -7.58 6.08 -13.08
C VAL A 374 -6.63 5.07 -13.75
N THR A 375 -6.03 4.18 -12.95
CA THR A 375 -5.17 3.05 -13.39
C THR A 375 -5.82 1.75 -12.94
N ILE A 376 -6.33 0.97 -13.89
CA ILE A 376 -6.92 -0.38 -13.63
C ILE A 376 -5.86 -1.44 -13.96
N VAL A 377 -5.76 -2.45 -13.09
CA VAL A 377 -4.72 -3.52 -13.13
C VAL A 377 -5.44 -4.84 -13.39
N LYS A 378 -5.06 -5.54 -14.47
CA LYS A 378 -5.53 -6.92 -14.76
C LYS A 378 -4.35 -7.85 -14.63
N PRO A 379 -4.25 -8.59 -13.51
CA PRO A 379 -3.15 -9.52 -13.31
C PRO A 379 -3.39 -10.74 -14.21
N ILE A 380 -2.34 -11.19 -14.89
CA ILE A 380 -2.42 -12.32 -15.85
C ILE A 380 -1.27 -13.28 -15.55
N VAL A 381 -1.49 -14.53 -15.94
CA VAL A 381 -0.44 -15.56 -16.01
C VAL A 381 -0.38 -15.96 -17.49
N TYR A 382 0.82 -16.13 -18.02
CA TYR A 382 1.02 -16.60 -19.41
C TYR A 382 2.28 -17.46 -19.46
N GLY A 383 2.37 -18.27 -20.50
CA GLY A 383 3.53 -19.15 -20.73
C GLY A 383 3.10 -20.43 -21.39
N ASN A 384 3.76 -21.54 -21.08
CA ASN A 384 3.48 -22.81 -21.76
C ASN A 384 3.59 -23.98 -20.77
N VAL A 385 2.71 -24.97 -20.96
CA VAL A 385 2.87 -26.37 -20.46
C VAL A 385 3.37 -27.20 -21.64
N ALA A 386 4.26 -28.17 -21.39
CA ALA A 386 4.93 -29.02 -22.41
C ALA A 386 5.09 -30.44 -21.87
N ARG A 387 4.35 -31.42 -22.45
CA ARG A 387 4.40 -32.86 -22.10
C ARG A 387 5.25 -33.61 -23.13
N TYR A 388 6.37 -34.20 -22.69
CA TYR A 388 7.28 -35.10 -23.46
C TYR A 388 6.49 -36.35 -23.90
N PHE A 389 6.43 -36.64 -25.21
CA PHE A 389 5.88 -37.90 -25.77
C PHE A 389 6.58 -39.11 -25.13
N GLY A 390 6.01 -40.31 -25.30
CA GLY A 390 6.67 -41.57 -24.94
C GLY A 390 8.05 -41.67 -25.58
N LYS A 391 8.12 -41.50 -26.90
CA LYS A 391 9.38 -41.49 -27.70
C LYS A 391 9.19 -40.56 -28.91
N LYS A 392 10.31 -40.07 -29.46
CA LYS A 392 10.34 -39.17 -30.65
C LYS A 392 9.61 -39.82 -31.83
N ARG A 393 8.53 -39.18 -32.29
CA ARG A 393 7.83 -39.51 -33.57
C ARG A 393 8.78 -39.15 -34.73
N GLU A 394 9.26 -40.17 -35.46
CA GLU A 394 10.34 -40.06 -36.49
C GLU A 394 9.80 -39.32 -37.74
N GLU A 395 8.53 -39.55 -38.08
CA GLU A 395 7.81 -38.88 -39.19
C GLU A 395 8.26 -37.42 -39.30
N ASP A 396 8.09 -36.63 -38.23
CA ASP A 396 8.39 -35.17 -38.22
C ASP A 396 9.50 -34.84 -37.19
N GLY A 397 9.77 -35.72 -36.22
CA GLY A 397 10.85 -35.54 -35.23
C GLY A 397 10.38 -34.81 -33.98
N HIS A 398 9.08 -34.55 -33.86
CA HIS A 398 8.44 -33.88 -32.70
C HIS A 398 8.56 -34.80 -31.48
N THR A 399 8.89 -34.24 -30.31
CA THR A 399 9.10 -34.98 -29.04
C THR A 399 8.03 -34.59 -28.01
N HIS A 400 7.39 -33.42 -28.18
CA HIS A 400 6.56 -32.77 -27.14
C HIS A 400 5.21 -32.32 -27.72
N GLN A 401 4.14 -32.49 -26.94
CA GLN A 401 2.87 -31.72 -27.05
C GLN A 401 2.97 -30.51 -26.12
N TRP A 402 2.64 -29.31 -26.60
CA TRP A 402 2.70 -28.08 -25.76
C TRP A 402 1.44 -27.22 -25.94
N THR A 403 1.04 -26.56 -24.86
CA THR A 403 -0.03 -25.54 -24.87
C THR A 403 0.61 -24.22 -24.42
N VAL A 404 0.57 -23.22 -25.28
CA VAL A 404 0.95 -21.82 -24.92
C VAL A 404 -0.35 -21.13 -24.54
N TYR A 405 -0.36 -20.36 -23.45
CA TYR A 405 -1.61 -19.77 -22.90
C TYR A 405 -1.37 -18.40 -22.28
N VAL A 406 -2.44 -17.61 -22.26
CA VAL A 406 -2.64 -16.43 -21.38
C VAL A 406 -3.95 -16.66 -20.65
N LYS A 407 -3.94 -16.58 -19.33
CA LYS A 407 -5.19 -16.63 -18.52
C LYS A 407 -5.11 -15.52 -17.47
N PRO A 408 -6.28 -15.03 -17.00
CA PRO A 408 -6.31 -14.09 -15.88
C PRO A 408 -5.77 -14.81 -14.65
N TYR A 409 -5.00 -14.12 -13.79
CA TYR A 409 -4.45 -14.71 -12.54
C TYR A 409 -5.61 -15.22 -11.68
N ARG A 410 -6.55 -14.33 -11.35
CA ARG A 410 -7.77 -14.63 -10.57
C ARG A 410 -8.82 -15.20 -11.53
N ASN A 411 -9.61 -16.17 -11.08
CA ASN A 411 -10.68 -16.82 -11.87
C ASN A 411 -11.76 -15.77 -12.18
N GLU A 412 -11.55 -14.98 -13.24
CA GLU A 412 -12.53 -13.98 -13.75
C GLU A 412 -12.80 -14.30 -15.22
N ASP A 413 -13.76 -13.60 -15.82
CA ASP A 413 -14.12 -13.74 -17.26
C ASP A 413 -13.33 -12.72 -18.08
N MET A 414 -12.17 -13.12 -18.64
CA MET A 414 -11.26 -12.23 -19.40
C MET A 414 -11.94 -11.75 -20.69
N SER A 415 -12.88 -12.53 -21.22
CA SER A 415 -13.62 -12.22 -22.48
C SER A 415 -14.45 -10.94 -22.32
N ALA A 416 -14.79 -10.57 -21.08
CA ALA A 416 -15.53 -9.34 -20.74
C ALA A 416 -14.90 -8.13 -21.45
N TYR A 417 -13.57 -8.04 -21.47
CA TYR A 417 -12.80 -6.90 -22.04
C TYR A 417 -11.85 -7.34 -23.16
N VAL A 418 -11.41 -8.61 -23.19
CA VAL A 418 -10.47 -9.11 -24.25
C VAL A 418 -11.31 -9.59 -25.44
N LYS A 419 -11.05 -9.00 -26.61
CA LYS A 419 -11.70 -9.34 -27.91
C LYS A 419 -11.03 -10.61 -28.46
N LYS A 420 -9.70 -10.65 -28.52
CA LYS A 420 -8.94 -11.82 -29.04
C LYS A 420 -7.50 -11.78 -28.57
N ILE A 421 -6.87 -12.95 -28.42
CA ILE A 421 -5.40 -13.06 -28.23
C ILE A 421 -4.83 -13.78 -29.45
N GLN A 422 -3.79 -13.19 -30.04
CA GLN A 422 -3.05 -13.72 -31.20
C GLN A 422 -1.73 -14.29 -30.67
N PHE A 423 -1.40 -15.54 -31.01
CA PHE A 423 -0.10 -16.18 -30.70
C PHE A 423 0.63 -16.38 -32.03
N LYS A 424 1.77 -15.70 -32.22
CA LYS A 424 2.61 -15.85 -33.43
C LYS A 424 3.65 -16.94 -33.16
N LEU A 425 3.56 -18.04 -33.90
CA LEU A 425 4.51 -19.18 -33.76
C LEU A 425 5.68 -18.98 -34.73
N HIS A 426 6.72 -19.77 -34.57
CA HIS A 426 7.86 -19.91 -35.52
C HIS A 426 7.32 -20.34 -36.89
N GLU A 427 8.01 -19.94 -37.96
CA GLU A 427 7.67 -20.18 -39.40
C GLU A 427 7.55 -21.70 -39.68
N SER A 428 8.19 -22.53 -38.87
CA SER A 428 8.15 -24.02 -38.93
C SER A 428 6.75 -24.56 -38.62
N TYR A 429 5.79 -23.69 -38.29
CA TYR A 429 4.35 -24.02 -38.14
C TYR A 429 3.57 -23.36 -39.28
N GLY A 430 2.62 -24.09 -39.88
CA GLY A 430 1.61 -23.56 -40.81
C GLY A 430 0.59 -22.71 -40.08
N ASN A 431 0.13 -21.63 -40.71
CA ASN A 431 -0.74 -20.59 -40.10
C ASN A 431 -0.13 -20.16 -38.76
N PRO A 432 1.13 -19.66 -38.75
CA PRO A 432 1.84 -19.40 -37.48
C PRO A 432 1.16 -18.31 -36.64
N LEU A 433 0.36 -17.44 -37.26
CA LEU A 433 -0.47 -16.43 -36.55
C LEU A 433 -1.79 -17.06 -36.13
N ARG A 434 -1.80 -17.69 -34.95
CA ARG A 434 -2.99 -18.35 -34.37
C ARG A 434 -3.77 -17.30 -33.57
N VAL A 435 -5.07 -17.22 -33.80
CA VAL A 435 -6.00 -16.24 -33.17
C VAL A 435 -6.99 -17.02 -32.32
N VAL A 436 -7.19 -16.61 -31.06
CA VAL A 436 -8.24 -17.15 -30.16
C VAL A 436 -9.15 -15.98 -29.74
N THR A 437 -10.43 -16.05 -30.07
CA THR A 437 -11.42 -14.96 -29.83
C THR A 437 -12.24 -15.24 -28.57
N LYS A 438 -12.07 -16.42 -27.97
CA LYS A 438 -12.89 -16.90 -26.82
C LYS A 438 -12.03 -17.74 -25.87
N PRO A 439 -12.28 -17.68 -24.54
CA PRO A 439 -11.50 -18.49 -23.59
C PRO A 439 -11.76 -19.98 -23.76
N PRO A 440 -10.78 -20.87 -23.48
CA PRO A 440 -9.46 -20.49 -22.97
C PRO A 440 -8.57 -19.89 -24.07
N TYR A 441 -7.74 -18.91 -23.72
CA TYR A 441 -6.80 -18.22 -24.63
C TYR A 441 -5.50 -19.02 -24.67
N GLU A 442 -5.48 -20.05 -25.50
CA GLU A 442 -4.37 -21.04 -25.53
C GLU A 442 -4.31 -21.71 -26.90
N ILE A 443 -3.12 -22.18 -27.26
CA ILE A 443 -2.88 -22.94 -28.52
C ILE A 443 -2.14 -24.21 -28.13
N THR A 444 -2.65 -25.36 -28.55
CA THR A 444 -1.99 -26.67 -28.35
C THR A 444 -1.35 -27.07 -29.67
N GLU A 445 -0.13 -27.59 -29.56
CA GLU A 445 0.73 -27.92 -30.72
C GLU A 445 1.72 -29.00 -30.28
N THR A 446 2.34 -29.64 -31.26
CA THR A 446 3.46 -30.59 -31.09
C THR A 446 4.67 -29.98 -31.79
N GLY A 447 5.88 -30.33 -31.36
CA GLY A 447 7.11 -29.79 -31.95
C GLY A 447 8.34 -30.44 -31.36
N TRP A 448 9.51 -29.97 -31.78
CA TRP A 448 10.83 -30.50 -31.36
C TRP A 448 11.65 -29.39 -30.69
N GLY A 449 11.29 -28.11 -30.90
CA GLY A 449 12.18 -26.97 -30.60
C GLY A 449 11.52 -25.90 -29.71
N GLU A 450 12.37 -25.16 -28.99
CA GLU A 450 12.02 -23.94 -28.23
C GLU A 450 12.27 -22.73 -29.13
N PHE A 451 11.29 -21.83 -29.21
CA PHE A 451 11.32 -20.57 -30.01
C PHE A 451 10.49 -19.51 -29.28
N GLU A 452 10.72 -18.25 -29.61
CA GLU A 452 9.97 -17.11 -29.04
C GLU A 452 8.59 -17.09 -29.67
N ILE A 453 7.56 -17.10 -28.83
CA ILE A 453 6.16 -16.81 -29.24
C ILE A 453 5.86 -15.37 -28.79
N ILE A 454 5.35 -14.57 -29.73
CA ILE A 454 4.86 -13.20 -29.48
C ILE A 454 3.35 -13.32 -29.28
N ILE A 455 2.86 -12.78 -28.17
CA ILE A 455 1.42 -12.85 -27.79
C ILE A 455 0.89 -11.42 -27.82
N LYS A 456 -0.14 -11.16 -28.61
CA LYS A 456 -0.79 -9.83 -28.71
C LYS A 456 -2.22 -9.96 -28.21
N ILE A 457 -2.55 -9.21 -27.16
CA ILE A 457 -3.89 -9.22 -26.50
C ILE A 457 -4.67 -7.98 -27.00
N PHE A 458 -5.88 -8.19 -27.53
CA PHE A 458 -6.77 -7.13 -28.09
C PHE A 458 -7.96 -6.94 -27.15
N PHE A 459 -8.42 -5.70 -27.04
CA PHE A 459 -9.49 -5.32 -26.08
C PHE A 459 -10.73 -4.92 -26.87
N ILE A 460 -11.90 -5.12 -26.28
CA ILE A 460 -13.21 -4.91 -26.95
C ILE A 460 -13.33 -3.44 -27.35
N ASP A 461 -12.77 -2.52 -26.56
CA ASP A 461 -12.44 -1.14 -27.05
C ASP A 461 -11.13 -1.25 -27.82
N PRO A 462 -11.14 -1.10 -29.17
CA PRO A 462 -9.93 -1.22 -29.97
C PRO A 462 -8.99 0.00 -29.85
N ASN A 463 -9.49 1.14 -29.33
CA ASN A 463 -8.68 2.33 -28.95
C ASN A 463 -7.69 1.94 -27.85
N GLU A 464 -8.13 1.08 -26.94
CA GLU A 464 -7.29 0.52 -25.84
C GLU A 464 -6.16 -0.29 -26.48
N ARG A 465 -4.96 0.29 -26.55
CA ARG A 465 -3.78 -0.25 -27.27
C ARG A 465 -3.53 -1.70 -26.86
N PRO A 466 -3.46 -2.65 -27.83
CA PRO A 466 -3.05 -4.03 -27.54
C PRO A 466 -1.79 -4.18 -26.67
N VAL A 467 -1.75 -5.22 -25.84
CA VAL A 467 -0.55 -5.64 -25.05
C VAL A 467 0.15 -6.75 -25.83
N THR A 468 1.46 -6.62 -25.98
CA THR A 468 2.32 -7.65 -26.62
C THR A 468 3.20 -8.27 -25.53
N LEU A 469 3.21 -9.60 -25.47
CA LEU A 469 4.07 -10.38 -24.56
C LEU A 469 5.03 -11.23 -25.41
N TYR A 470 6.17 -11.55 -24.83
CA TYR A 470 7.24 -12.39 -25.41
C TYR A 470 7.43 -13.58 -24.47
N HIS A 471 7.21 -14.78 -24.99
CA HIS A 471 7.42 -16.06 -24.25
C HIS A 471 8.33 -16.98 -25.06
N LEU A 472 9.42 -17.43 -24.44
CA LEU A 472 10.25 -18.55 -24.96
C LEU A 472 9.54 -19.86 -24.61
N LEU A 473 8.85 -20.47 -25.57
CA LEU A 473 8.27 -21.83 -25.38
C LEU A 473 9.36 -22.70 -24.78
N LYS A 474 9.04 -23.45 -23.73
CA LYS A 474 10.00 -24.34 -23.05
C LYS A 474 9.47 -25.78 -23.08
N LEU A 475 10.35 -26.72 -23.44
CA LEU A 475 10.09 -28.18 -23.48
C LEU A 475 11.03 -28.91 -22.49
N PHE A 476 12.22 -28.36 -22.21
CA PHE A 476 13.28 -29.00 -21.39
C PHE A 476 13.65 -28.07 -20.24
N GLN A 477 13.32 -28.46 -18.99
CA GLN A 477 13.66 -27.69 -17.76
C GLN A 477 15.11 -27.97 -17.37
N SER A 478 15.50 -29.25 -17.32
CA SER A 478 16.85 -29.74 -16.94
C SER A 478 17.28 -29.12 -15.61
N ALA A 482 17.16 -30.93 -11.30
CA ALA A 482 15.84 -31.34 -11.85
C ALA A 482 15.75 -32.86 -11.88
N MET A 483 14.85 -33.44 -11.07
CA MET A 483 14.60 -34.91 -10.97
C MET A 483 13.34 -35.29 -11.75
N LEU A 484 12.56 -34.31 -12.21
CA LEU A 484 11.28 -34.52 -12.96
C LEU A 484 11.58 -35.19 -14.31
N GLY A 485 10.80 -36.22 -14.67
CA GLY A 485 11.01 -37.06 -15.87
C GLY A 485 9.98 -36.80 -16.95
N LYS A 486 8.90 -37.58 -16.97
CA LYS A 486 7.75 -37.44 -17.91
C LYS A 486 6.76 -36.38 -17.38
N LYS A 487 7.01 -35.80 -16.20
CA LYS A 487 6.20 -34.71 -15.58
C LYS A 487 6.15 -33.51 -16.53
N THR A 488 4.95 -32.96 -16.75
CA THR A 488 4.69 -31.86 -17.73
C THR A 488 5.55 -30.66 -17.33
N VAL A 489 6.42 -30.21 -18.25
CA VAL A 489 7.27 -29.00 -18.05
C VAL A 489 6.37 -27.76 -18.08
N VAL A 490 6.61 -26.83 -17.16
CA VAL A 490 5.84 -25.56 -17.01
C VAL A 490 6.83 -24.41 -17.04
N SER A 491 6.57 -23.42 -17.91
CA SER A 491 7.20 -22.08 -17.90
C SER A 491 6.07 -21.07 -18.02
N GLU A 492 5.56 -20.59 -16.88
CA GLU A 492 4.55 -19.51 -16.87
C GLU A 492 5.04 -18.36 -16.00
N PHE A 493 4.54 -17.17 -16.30
CA PHE A 493 4.94 -15.91 -15.65
C PHE A 493 3.66 -15.17 -15.30
N TYR A 494 3.68 -14.50 -14.15
CA TYR A 494 2.66 -13.55 -13.70
C TYR A 494 3.10 -12.18 -14.22
N ASP A 495 2.16 -11.42 -14.76
CA ASP A 495 2.40 -9.99 -15.08
C ASP A 495 1.08 -9.27 -14.83
N GLU A 496 1.08 -7.96 -15.03
CA GLU A 496 -0.12 -7.12 -14.84
C GLU A 496 -0.30 -6.24 -16.07
N MET A 497 -1.48 -6.33 -16.68
CA MET A 497 -1.94 -5.38 -17.72
C MET A 497 -2.46 -4.13 -17.01
N ILE A 498 -2.13 -2.96 -17.53
CA ILE A 498 -2.42 -1.65 -16.89
C ILE A 498 -3.19 -0.80 -17.90
N PHE A 499 -4.43 -0.45 -17.57
CA PHE A 499 -5.33 0.41 -18.38
C PHE A 499 -5.41 1.79 -17.73
N GLN A 500 -4.69 2.77 -18.30
CA GLN A 500 -4.59 4.17 -17.82
C GLN A 500 -5.73 5.01 -18.41
N ASP A 501 -6.64 5.46 -17.56
CA ASP A 501 -7.77 6.36 -17.93
C ASP A 501 -8.47 5.77 -19.16
N PRO A 502 -9.11 4.59 -19.01
CA PRO A 502 -9.83 3.96 -20.12
C PRO A 502 -11.27 4.47 -20.23
N THR A 503 -11.91 4.28 -21.38
CA THR A 503 -13.32 4.68 -21.65
C THR A 503 -14.22 4.05 -20.58
N ALA A 504 -15.37 4.67 -20.29
CA ALA A 504 -16.37 4.19 -19.30
C ALA A 504 -16.87 2.80 -19.73
N MET A 505 -17.14 2.61 -21.03
CA MET A 505 -17.35 1.29 -21.70
C MET A 505 -16.31 0.29 -21.17
N MET A 506 -15.03 0.62 -21.33
CA MET A 506 -13.87 -0.26 -21.03
C MET A 506 -13.75 -0.43 -19.51
N GLN A 507 -13.89 0.65 -18.74
CA GLN A 507 -13.90 0.64 -17.26
C GLN A 507 -14.94 -0.36 -16.74
N GLN A 508 -16.10 -0.44 -17.41
CA GLN A 508 -17.27 -1.28 -17.00
C GLN A 508 -16.89 -2.76 -17.16
N LEU A 509 -16.38 -3.13 -18.32
CA LEU A 509 -15.98 -4.52 -18.70
C LEU A 509 -14.77 -4.94 -17.87
N LEU A 510 -13.88 -3.99 -17.54
CA LEU A 510 -12.65 -4.22 -16.74
C LEU A 510 -12.98 -4.39 -15.26
N THR A 511 -14.21 -4.08 -14.83
CA THR A 511 -14.62 -4.10 -13.40
C THR A 511 -15.82 -5.04 -13.21
N THR A 512 -15.59 -6.22 -12.63
CA THR A 512 -16.63 -7.17 -12.15
C THR A 512 -16.72 -7.08 -10.62
N ALA B 1 -3.27 -0.20 -23.42
CA ALA B 1 -2.78 -0.80 -22.15
C ALA B 1 -1.29 -1.13 -22.29
N ARG B 2 -0.59 -1.24 -21.17
CA ARG B 2 0.83 -1.68 -21.09
C ARG B 2 0.92 -2.78 -20.03
N THR B 3 2.02 -3.54 -19.99
CA THR B 3 2.36 -4.41 -18.84
C THR B 3 2.90 -3.51 -17.72
N LYS B 4 3.08 -4.07 -16.53
CA LYS B 4 3.65 -3.38 -15.33
C LYS B 4 5.07 -2.89 -15.66
N GLN B 5 5.48 -1.77 -15.04
CA GLN B 5 6.88 -1.25 -15.09
C GLN B 5 7.80 -2.33 -14.50
N THR B 6 7.43 -2.89 -13.33
CA THR B 6 8.17 -3.97 -12.64
C THR B 6 8.12 -5.25 -13.50
N ALA B 7 9.17 -6.06 -13.43
CA ALA B 7 9.32 -7.32 -14.22
C ALA B 7 8.14 -8.26 -13.94
N ARG B 8 7.83 -9.09 -14.94
CA ARG B 8 7.04 -10.35 -14.79
C ARG B 8 7.72 -11.22 -13.73
N LYS B 9 6.94 -12.04 -13.03
CA LYS B 9 7.43 -12.95 -11.96
C LYS B 9 7.14 -14.39 -12.38
N SER B 10 8.17 -15.25 -12.39
CA SER B 10 8.04 -16.72 -12.58
C SER B 10 7.20 -17.30 -11.45
N THR B 11 6.20 -18.13 -11.78
CA THR B 11 5.33 -18.84 -10.82
C THR B 11 5.76 -20.31 -10.74
N ALA C 24 15.36 -16.74 -41.11
CA ALA C 24 15.39 -18.06 -40.42
C ALA C 24 15.46 -17.85 -38.90
N ALA C 25 14.31 -17.63 -38.26
CA ALA C 25 14.15 -17.39 -36.81
C ALA C 25 14.84 -18.49 -36.00
N ARG C 26 15.36 -18.15 -34.82
CA ARG C 26 16.17 -19.05 -33.96
C ARG C 26 15.25 -20.05 -33.24
OH ALY C 27 9.14 -27.81 -33.20
CH ALY C 27 8.94 -27.13 -34.20
CH3 ALY C 27 7.88 -27.48 -35.19
NZ ALY C 27 9.70 -26.06 -34.48
CE ALY C 27 10.75 -25.62 -33.58
CD ALY C 27 11.53 -24.41 -34.09
CG ALY C 27 12.71 -24.08 -33.21
CB ALY C 27 13.81 -23.28 -33.88
CA ALY C 27 14.72 -22.48 -32.93
N ALY C 27 15.32 -21.33 -33.64
C ALY C 27 15.86 -23.32 -32.36
O ALY C 27 16.99 -23.20 -32.88
N SER C 28 15.61 -24.09 -31.30
CA SER C 28 16.67 -24.78 -30.50
C SER C 28 16.11 -26.03 -29.79
N ALA C 29 16.94 -27.06 -29.70
CA ALA C 29 16.69 -28.32 -28.95
C ALA C 29 18.02 -28.97 -28.60
N PRO C 30 18.09 -29.80 -27.54
CA PRO C 30 19.37 -30.34 -27.05
C PRO C 30 19.87 -31.61 -27.78
N ALA C 31 18.98 -32.30 -28.50
CA ALA C 31 19.23 -33.62 -29.14
C ALA C 31 19.24 -34.71 -28.07
C1 GLC D . 2.80 5.92 9.90
C2 GLC D . 1.29 5.87 9.79
C3 GLC D . 0.83 5.80 8.33
C4 GLC D . 1.52 6.84 7.43
C5 GLC D . 3.04 6.85 7.63
C6 GLC D . 3.70 8.05 6.94
O1 GLC D . 3.27 4.65 9.50
O2 GLC D . 0.82 4.70 10.49
O3 GLC D . -0.59 5.99 8.29
O4 GLC D . 1.19 6.52 6.08
O5 GLC D . 3.34 6.95 9.03
O6 GLC D . 5.08 7.81 6.64
C1 GLC D . 0.13 7.31 5.54
C2 GLC D . -0.80 6.44 4.75
C3 GLC D . 0.01 5.83 3.61
C4 GLC D . 0.58 6.94 2.75
C5 GLC D . 1.47 7.84 3.58
C6 GLC D . 1.97 9.05 2.78
O2 GLC D . -1.45 5.48 5.61
O3 GLC D . -0.89 5.04 2.85
O4 GLC D . 1.32 6.42 1.66
O5 GLC D . 0.67 8.31 4.66
O6 GLC D . 3.03 9.73 3.47
C1 GOL E . 20.07 -33.27 -20.53
O1 GOL E . 18.68 -33.43 -20.80
C2 GOL E . 20.33 -32.38 -19.33
O2 GOL E . 20.03 -33.09 -18.14
C3 GOL E . 21.75 -31.87 -19.27
O3 GOL E . 22.11 -31.15 -20.44
C1 GOL F . -3.80 -23.86 -19.45
O1 GOL F . -4.30 -22.63 -18.91
C2 GOL F . -3.45 -24.84 -18.35
O2 GOL F . -2.87 -26.00 -18.95
C3 GOL F . -2.50 -24.30 -17.31
O3 GOL F . -2.89 -22.99 -16.88
C1 GOL G . 23.62 -34.52 -13.87
O1 GOL G . 24.32 -35.60 -13.25
C2 GOL G . 22.11 -34.69 -13.78
O2 GOL G . 21.70 -35.79 -14.57
C3 GOL G . 21.32 -33.47 -14.20
O3 GOL G . 22.08 -32.27 -14.07
#